data_7KV7
#
_entry.id   7KV7
#
_cell.length_a   74.268
_cell.length_b   59.249
_cell.length_c   148.137
_cell.angle_alpha   90.000
_cell.angle_beta   102.611
_cell.angle_gamma   90.000
#
_symmetry.space_group_name_H-M   'I 1 2 1'
#
loop_
_entity.id
_entity.type
_entity.pdbx_description
1 polymer 'PKD domain protein'
2 branched beta-D-glucopyranose-(1-3)-beta-D-glucopyranose
3 non-polymer LYSINE
4 non-polymer beta-D-glucopyranose
5 non-polymer DI(HYDROXYETHYL)ETHER
6 non-polymer 'SULFATE ION'
7 non-polymer 1,2-ETHANEDIOL
8 water water
#
_entity_poly.entity_id   1
_entity_poly.type   'polypeptide(L)'
_entity_poly.pdbx_seq_one_letter_code
;MKNIFKIGLFALVTAFAMTSCDPQDGDDHSLGVKPQESQLSFTATPGSNPNVVTLKNTSSLKGLVVTWDLGNGVTAKGEE
VVASYPFANTYTIAMTAYNTGGSTTITQTITIANNDESQIEPKAIILAGGLTGSKTWVFDRAHDGHFGVGPGAGNPDYNG
TPSWWSCPAEGKAECALYENEFSFHLDGGYNMTWVNKGKIYTNGAGKDKLPGVATVPGAGDFDVEYIPKEAYTFTVDGDK
LKLSDDAFFGHFAGTSTYTIKTLNENELYLECSSAVESGNGWWYRFVPKK
;
_entity_poly.pdbx_strand_id   AAA,BBB
#
loop_
_chem_comp.id
_chem_comp.type
_chem_comp.name
_chem_comp.formula
BGC D-saccharide, beta linking beta-D-glucopyranose 'C6 H12 O6'
EDO non-polymer 1,2-ETHANEDIOL 'C2 H6 O2'
PEG non-polymer DI(HYDROXYETHYL)ETHER 'C4 H10 O3'
SO4 non-polymer 'SULFATE ION' 'O4 S -2'
#
# COMPACT_ATOMS: atom_id res chain seq x y z
N SER A 41 -27.63 -1.26 -29.72
CA SER A 41 -26.86 -2.30 -28.98
C SER A 41 -25.63 -1.70 -28.29
N PHE A 42 -25.20 -2.31 -27.17
CA PHE A 42 -23.82 -2.11 -26.65
C PHE A 42 -23.31 -3.37 -25.97
N THR A 43 -21.99 -3.43 -25.85
CA THR A 43 -21.24 -4.48 -25.14
C THR A 43 -20.64 -3.85 -23.88
N ALA A 44 -20.67 -4.57 -22.77
CA ALA A 44 -19.92 -4.19 -21.54
C ALA A 44 -18.92 -5.30 -21.29
N THR A 45 -17.66 -5.07 -21.64
CA THR A 45 -16.59 -6.08 -21.69
C THR A 45 -15.56 -5.80 -20.61
N PRO A 46 -15.53 -6.65 -19.56
CA PRO A 46 -14.46 -6.58 -18.56
C PRO A 46 -13.12 -6.76 -19.27
N GLY A 47 -12.13 -5.94 -18.94
CA GLY A 47 -10.79 -6.03 -19.51
C GLY A 47 -9.88 -6.90 -18.65
N SER A 48 -8.59 -6.55 -18.67
CA SER A 48 -7.48 -7.27 -17.99
C SER A 48 -7.74 -7.21 -16.47
N ASN A 49 -8.33 -6.11 -16.01
CA ASN A 49 -8.88 -5.96 -14.63
C ASN A 49 -10.38 -6.18 -14.73
N PRO A 50 -10.94 -7.24 -14.11
CA PRO A 50 -12.35 -7.55 -14.28
C PRO A 50 -13.28 -6.47 -13.70
N ASN A 51 -12.72 -5.54 -12.92
CA ASN A 51 -13.51 -4.47 -12.26
C ASN A 51 -13.52 -3.23 -13.16
N VAL A 52 -12.85 -3.29 -14.32
CA VAL A 52 -12.79 -2.13 -15.24
C VAL A 52 -13.34 -2.66 -16.58
N VAL A 53 -14.32 -1.94 -17.11
CA VAL A 53 -15.25 -2.43 -18.16
C VAL A 53 -15.29 -1.43 -19.31
N THR A 54 -15.13 -1.92 -20.54
CA THR A 54 -15.25 -1.12 -21.79
C THR A 54 -16.72 -1.15 -22.23
N LEU A 55 -17.39 0.00 -22.26
CA LEU A 55 -18.76 0.18 -22.78
C LEU A 55 -18.64 0.73 -24.21
N LYS A 56 -19.17 -0.03 -25.16
CA LYS A 56 -18.98 0.26 -26.60
C LYS A 56 -20.34 0.19 -27.29
N ASN A 57 -20.67 1.27 -27.98
CA ASN A 57 -21.87 1.32 -28.88
C ASN A 57 -21.63 0.33 -30.00
N THR A 58 -22.50 -0.65 -30.15
CA THR A 58 -22.39 -1.67 -31.24
C THR A 58 -23.57 -1.55 -32.17
N SER A 59 -24.35 -0.47 -32.06
CA SER A 59 -25.66 -0.29 -32.74
C SER A 59 -25.46 -0.52 -34.25
N SER A 60 -26.42 -1.18 -34.88
CA SER A 60 -26.50 -1.29 -36.35
C SER A 60 -27.25 -0.08 -36.91
N LEU A 61 -26.63 1.10 -36.76
CA LEU A 61 -27.18 2.44 -37.08
C LEU A 61 -26.08 3.43 -36.74
N LYS A 62 -25.56 4.17 -37.72
CA LYS A 62 -24.43 5.12 -37.51
C LYS A 62 -25.03 6.51 -37.22
N LEU A 64 -25.10 8.49 -34.86
CA LEU A 64 -25.72 8.61 -33.50
C LEU A 64 -24.75 9.27 -32.53
N VAL A 65 -25.24 10.05 -31.57
CA VAL A 65 -24.44 10.49 -30.41
C VAL A 65 -24.95 9.67 -29.23
N VAL A 66 -24.04 9.08 -28.44
CA VAL A 66 -24.42 8.27 -27.27
C VAL A 66 -23.82 8.87 -25.99
N THR A 67 -24.62 8.85 -24.96
CA THR A 67 -24.21 9.13 -23.57
C THR A 67 -24.49 7.88 -22.73
N TRP A 68 -23.92 7.88 -21.52
CA TRP A 68 -23.90 6.72 -20.62
C TRP A 68 -24.11 7.20 -19.19
N ASP A 69 -24.93 6.48 -18.44
CA ASP A 69 -24.91 6.40 -16.97
C ASP A 69 -24.30 5.06 -16.61
N LEU A 70 -23.12 5.09 -15.96
CA LEU A 70 -22.35 3.87 -15.69
C LEU A 70 -22.93 3.16 -14.48
N GLY A 71 -23.86 3.83 -13.77
CA GLY A 71 -24.57 3.29 -12.60
C GLY A 71 -23.70 3.25 -11.36
N ASN A 72 -22.60 3.99 -11.36
CA ASN A 72 -21.61 4.10 -10.26
C ASN A 72 -21.49 5.59 -9.88
N GLY A 73 -22.42 6.42 -10.32
CA GLY A 73 -22.33 7.88 -10.10
C GLY A 73 -21.65 8.64 -11.23
N VAL A 74 -21.09 7.97 -12.24
CA VAL A 74 -20.40 8.66 -13.37
C VAL A 74 -21.34 8.66 -14.60
N THR A 75 -21.36 9.75 -15.35
CA THR A 75 -21.97 9.84 -16.69
C THR A 75 -20.87 10.20 -17.69
N ALA A 76 -21.07 9.83 -18.96
CA ALA A 76 -20.03 10.01 -19.96
C ALA A 76 -20.67 10.15 -21.35
N LYS A 77 -19.89 10.65 -22.25
CA LYS A 77 -20.27 10.78 -23.67
C LYS A 77 -19.13 10.22 -24.51
N GLY A 78 -19.46 9.33 -25.46
CA GLY A 78 -18.47 8.81 -26.40
C GLY A 78 -18.92 7.49 -26.94
N GLU A 79 -18.35 7.08 -28.08
CA GLU A 79 -18.69 5.78 -28.69
C GLU A 79 -18.23 4.66 -27.76
N GLU A 80 -17.06 4.84 -27.16
CA GLU A 80 -16.39 3.82 -26.33
C GLU A 80 -15.84 4.51 -25.07
N VAL A 81 -16.35 4.10 -23.92
CA VAL A 81 -15.98 4.68 -22.61
C VAL A 81 -15.62 3.52 -21.68
N VAL A 82 -14.84 3.85 -20.64
CA VAL A 82 -14.44 2.82 -19.64
C VAL A 82 -15.06 3.21 -18.30
N ALA A 83 -15.61 2.19 -17.62
CA ALA A 83 -16.28 2.27 -16.30
C ALA A 83 -15.44 1.52 -15.28
N SER A 84 -15.30 2.10 -14.09
CA SER A 84 -14.59 1.47 -12.96
C SER A 84 -15.55 1.18 -11.80
N TYR A 85 -15.56 -0.07 -11.34
CA TYR A 85 -16.37 -0.54 -10.18
C TYR A 85 -15.44 -1.16 -9.14
N PRO A 86 -14.83 -0.35 -8.25
CA PRO A 86 -13.91 -0.89 -7.24
C PRO A 86 -14.61 -1.95 -6.36
N PHE A 87 -15.91 -1.78 -6.13
CA PHE A 87 -16.69 -2.67 -5.22
C PHE A 87 -17.51 -3.69 -6.03
N ALA A 88 -17.40 -4.96 -5.64
CA ALA A 88 -18.31 -6.05 -6.06
C ALA A 88 -19.76 -5.61 -5.79
N ASN A 89 -20.60 -5.76 -6.81
CA ASN A 89 -22.04 -5.47 -6.76
C ASN A 89 -22.61 -5.75 -8.15
N THR A 90 -23.92 -5.64 -8.23
CA THR A 90 -24.64 -5.57 -9.52
C THR A 90 -24.89 -4.09 -9.80
N TYR A 91 -24.57 -3.64 -11.01
CA TYR A 91 -24.75 -2.24 -11.48
C TYR A 91 -25.62 -2.26 -12.74
N THR A 92 -26.39 -1.19 -12.93
CA THR A 92 -27.17 -0.91 -14.16
C THR A 92 -26.46 0.16 -14.98
N ILE A 93 -26.09 -0.20 -16.22
CA ILE A 93 -25.50 0.67 -17.30
C ILE A 93 -26.63 1.07 -18.26
N ALA A 94 -26.76 2.36 -18.52
CA ALA A 94 -27.77 2.95 -19.44
C ALA A 94 -27.02 3.65 -20.57
N MET A 95 -27.29 3.26 -21.81
CA MET A 95 -26.87 4.02 -23.02
C MET A 95 -28.10 4.81 -23.53
N THR A 96 -27.91 6.09 -23.82
CA THR A 96 -28.93 6.97 -24.43
C THR A 96 -28.42 7.32 -25.82
N ALA A 97 -29.17 6.97 -26.88
CA ALA A 97 -28.79 7.33 -28.25
C ALA A 97 -29.64 8.52 -28.67
N TYR A 98 -28.99 9.46 -29.34
CA TYR A 98 -29.56 10.76 -29.80
C TYR A 98 -29.47 10.81 -31.33
N ASN A 99 -30.60 11.11 -31.98
CA ASN A 99 -30.61 11.62 -33.39
C ASN A 99 -31.32 12.99 -33.37
N THR A 100 -31.85 13.45 -34.50
CA THR A 100 -32.74 14.64 -34.63
C THR A 100 -34.14 14.33 -34.09
N GLY A 101 -34.61 13.08 -34.27
CA GLY A 101 -35.92 12.60 -33.81
C GLY A 101 -36.10 12.64 -32.30
N GLY A 102 -35.00 12.67 -31.53
CA GLY A 102 -35.00 12.60 -30.06
C GLY A 102 -34.01 11.56 -29.55
N SER A 103 -34.35 10.88 -28.45
CA SER A 103 -33.40 10.00 -27.72
C SER A 103 -34.10 8.71 -27.33
N THR A 104 -33.37 7.58 -27.34
CA THR A 104 -33.82 6.24 -26.87
C THR A 104 -32.76 5.67 -25.92
N THR A 105 -33.18 5.11 -24.79
CA THR A 105 -32.30 4.63 -23.68
C THR A 105 -32.42 3.11 -23.57
N ILE A 106 -31.31 2.36 -23.73
CA ILE A 106 -31.28 0.88 -23.46
C ILE A 106 -30.33 0.63 -22.27
N THR A 107 -30.63 -0.40 -21.47
CA THR A 107 -29.88 -0.73 -20.23
C THR A 107 -29.38 -2.19 -20.27
N GLN A 108 -28.34 -2.48 -19.50
CA GLN A 108 -27.94 -3.86 -19.09
C GLN A 108 -27.54 -3.79 -17.63
N THR A 109 -27.74 -4.89 -16.90
CA THR A 109 -27.12 -5.10 -15.56
C THR A 109 -25.77 -5.75 -15.82
N ILE A 110 -24.82 -5.47 -14.94
CA ILE A 110 -23.51 -6.16 -14.94
C ILE A 110 -23.23 -6.55 -13.48
N THR A 111 -22.68 -7.73 -13.30
CA THR A 111 -22.24 -8.26 -12.00
C THR A 111 -20.72 -8.20 -11.98
N ILE A 112 -20.17 -7.46 -11.00
CA ILE A 112 -18.72 -7.43 -10.68
C ILE A 112 -18.55 -8.37 -9.47
N ALA A 113 -17.80 -9.46 -9.60
CA ALA A 113 -17.81 -10.59 -8.64
C ALA A 113 -17.08 -10.20 -7.35
N ASN A 114 -15.94 -9.52 -7.46
CA ASN A 114 -15.01 -9.33 -6.31
C ASN A 114 -14.65 -7.86 -6.15
N ASN A 115 -14.24 -7.45 -4.95
CA ASN A 115 -13.65 -6.12 -4.69
C ASN A 115 -12.25 -6.05 -5.35
N ASP A 116 -11.88 -4.88 -5.82
CA ASP A 116 -10.57 -4.64 -6.48
C ASP A 116 -9.60 -3.94 -5.52
N GLU A 117 -8.68 -4.72 -4.94
CA GLU A 117 -7.68 -4.17 -3.99
C GLU A 117 -6.96 -2.94 -4.58
N SER A 118 -6.62 -2.93 -5.88
CA SER A 118 -5.89 -1.83 -6.52
C SER A 118 -6.69 -0.51 -6.49
N GLN A 119 -8.02 -0.50 -6.27
CA GLN A 119 -8.83 0.76 -6.36
C GLN A 119 -9.54 1.05 -5.02
N ILE A 120 -9.18 0.35 -3.96
CA ILE A 120 -9.77 0.55 -2.61
C ILE A 120 -8.68 1.04 -1.67
N GLU A 121 -9.00 2.02 -0.83
CA GLU A 121 -8.07 2.60 0.17
C GLU A 121 -7.43 1.45 0.96
N PRO A 122 -6.08 1.37 0.98
CA PRO A 122 -5.40 0.29 1.69
C PRO A 122 -5.78 0.23 3.18
N LYS A 123 -5.90 1.38 3.81
CA LYS A 123 -6.26 1.44 5.26
C LYS A 123 -7.67 0.91 5.45
N ALA A 124 -8.57 1.07 4.49
CA ALA A 124 -9.93 0.49 4.58
C ALA A 124 -9.84 -1.04 4.64
N ILE A 125 -8.94 -1.62 3.85
CA ILE A 125 -8.80 -3.09 3.81
C ILE A 125 -8.32 -3.56 5.17
N ILE A 126 -7.35 -2.85 5.77
CA ILE A 126 -6.87 -3.24 7.13
C ILE A 126 -8.05 -3.16 8.12
N LEU A 127 -8.84 -2.06 8.10
CA LEU A 127 -9.97 -1.96 9.07
C LEU A 127 -10.96 -3.12 8.90
N ALA A 128 -11.23 -3.59 7.66
CA ALA A 128 -12.27 -4.59 7.40
C ALA A 128 -11.65 -6.01 7.44
N GLY A 129 -10.35 -6.11 7.70
CA GLY A 129 -9.63 -7.40 7.83
C GLY A 129 -9.44 -8.13 6.49
N GLY A 130 -9.63 -7.42 5.38
CA GLY A 130 -9.50 -7.98 4.03
C GLY A 130 -10.62 -7.52 3.11
N LEU A 131 -10.66 -8.06 1.90
CA LEU A 131 -11.64 -7.65 0.87
C LEU A 131 -12.99 -8.32 1.10
N THR A 132 -13.02 -9.42 1.88
CA THR A 132 -14.27 -10.15 2.19
C THR A 132 -14.46 -10.13 3.72
N GLY A 133 -15.68 -10.40 4.14
CA GLY A 133 -16.06 -10.56 5.55
C GLY A 133 -15.97 -9.22 6.24
N SER A 134 -15.73 -9.26 7.55
CA SER A 134 -15.78 -8.02 8.33
C SER A 134 -14.76 -8.17 9.45
N LYS A 135 -14.46 -7.08 10.13
CA LYS A 135 -13.56 -7.17 11.29
C LYS A 135 -14.11 -6.21 12.33
N THR A 136 -14.22 -6.70 13.57
CA THR A 136 -14.80 -5.94 14.68
C THR A 136 -13.65 -5.52 15.57
N TRP A 137 -13.64 -4.25 15.96
CA TRP A 137 -12.66 -3.62 16.82
C TRP A 137 -13.33 -3.23 18.14
N VAL A 138 -12.59 -3.41 19.22
CA VAL A 138 -13.04 -3.07 20.61
C VAL A 138 -11.91 -2.36 21.33
N PHE A 139 -12.25 -1.62 22.37
CA PHE A 139 -11.24 -0.97 23.24
C PHE A 139 -10.26 -2.03 23.77
N ASP A 140 -9.00 -1.62 23.79
CA ASP A 140 -7.87 -2.41 24.30
C ASP A 140 -7.91 -2.37 25.83
N ARG A 141 -9.00 -2.85 26.39
CA ARG A 141 -9.37 -2.66 27.83
C ARG A 141 -8.33 -3.35 28.71
N ALA A 142 -7.68 -4.38 28.20
CA ALA A 142 -6.76 -5.21 29.02
C ALA A 142 -5.38 -4.54 29.14
N HIS A 143 -5.08 -3.45 28.43
CA HIS A 143 -3.76 -2.78 28.52
C HIS A 143 -3.94 -1.33 28.95
N ASP A 144 -2.94 -0.76 29.61
CA ASP A 144 -2.91 0.68 29.95
C ASP A 144 -2.97 1.49 28.65
N GLY A 145 -3.55 2.70 28.70
CA GLY A 145 -3.42 3.70 27.64
C GLY A 145 -4.41 3.50 26.50
N HIS A 146 -5.52 2.79 26.70
CA HIS A 146 -6.53 2.53 25.63
C HIS A 146 -7.52 3.68 25.54
N PHE A 147 -7.43 4.63 26.45
CA PHE A 147 -8.32 5.81 26.50
C PHE A 147 -7.55 6.88 27.27
N GLY A 148 -7.55 8.11 26.81
CA GLY A 148 -6.82 9.13 27.57
C GLY A 148 -7.14 10.53 27.10
N VAL A 149 -6.72 11.51 27.90
CA VAL A 149 -6.98 12.92 27.52
C VAL A 149 -5.69 13.72 27.76
N GLY A 150 -5.52 14.73 26.93
CA GLY A 150 -4.36 15.66 27.01
C GLY A 150 -4.69 16.91 26.23
N PRO A 151 -3.73 17.87 26.19
CA PRO A 151 -3.84 19.02 25.29
C PRO A 151 -4.00 18.53 23.87
N GLY A 152 -5.02 19.02 23.20
CA GLY A 152 -5.39 18.64 21.82
C GLY A 152 -4.50 19.28 20.77
N ALA A 153 -4.56 18.82 19.55
CA ALA A 153 -3.60 19.27 18.51
C ALA A 153 -3.68 20.78 18.23
N GLY A 154 -4.78 21.48 18.49
CA GLY A 154 -4.77 22.96 18.32
C GLY A 154 -4.26 23.75 19.53
N ASN A 155 -3.95 23.06 20.63
CA ASN A 155 -3.70 23.62 21.97
C ASN A 155 -2.21 23.96 22.03
N PRO A 156 -1.82 25.15 22.49
CA PRO A 156 -0.38 25.48 22.56
C PRO A 156 0.47 24.48 23.35
N ASP A 157 -0.14 23.74 24.28
CA ASP A 157 0.58 22.73 25.12
C ASP A 157 0.61 21.33 24.47
N TYR A 158 0.14 21.18 23.23
CA TYR A 158 0.07 19.87 22.55
C TYR A 158 1.44 19.19 22.57
N ASN A 159 1.48 17.92 22.93
CA ASN A 159 2.76 17.14 22.90
C ASN A 159 2.56 15.81 22.17
N GLY A 160 1.40 15.58 21.55
CA GLY A 160 1.05 14.33 20.84
C GLY A 160 0.62 13.18 21.74
N THR A 161 0.50 13.33 23.06
CA THR A 161 0.12 12.22 23.99
C THR A 161 -0.98 12.67 24.93
N PRO A 162 -1.78 11.72 25.49
CA PRO A 162 -2.72 12.02 26.56
C PRO A 162 -2.00 12.23 27.90
N SER A 163 -1.31 13.37 28.01
CA SER A 163 -0.41 13.65 29.14
C SER A 163 -1.18 14.13 30.37
N TRP A 164 -2.49 14.40 30.32
CA TRP A 164 -3.27 14.77 31.52
C TRP A 164 -3.74 13.50 32.25
N TRP A 165 -4.21 12.51 31.50
CA TRP A 165 -4.68 11.25 32.11
C TRP A 165 -4.71 10.14 31.06
N SER A 166 -4.14 9.00 31.43
CA SER A 166 -4.06 7.80 30.57
C SER A 166 -4.76 6.67 31.33
N CYS A 167 -5.78 6.06 30.75
CA CYS A 167 -6.63 5.08 31.46
C CYS A 167 -5.81 3.83 31.74
N PRO A 168 -5.73 3.34 33.00
CA PRO A 168 -5.12 2.03 33.26
C PRO A 168 -6.00 0.90 32.73
N ALA A 169 -5.40 -0.27 32.53
CA ALA A 169 -6.11 -1.49 32.16
C ALA A 169 -7.41 -1.63 32.99
N GLU A 170 -8.55 -1.79 32.34
CA GLU A 170 -9.88 -2.05 32.94
C GLU A 170 -10.42 -0.83 33.69
N GLY A 171 -9.78 0.32 33.58
CA GLY A 171 -10.19 1.57 34.27
C GLY A 171 -11.59 2.04 33.96
N LYS A 172 -12.16 1.74 32.79
CA LYS A 172 -13.55 2.15 32.47
C LYS A 172 -14.46 0.92 32.34
N ALA A 173 -14.20 -0.15 33.09
CA ALA A 173 -15.10 -1.35 33.11
C ALA A 173 -16.50 -0.99 33.56
N GLU A 174 -16.64 -0.10 34.53
CA GLU A 174 -17.95 0.20 35.16
C GLU A 174 -18.63 1.37 34.47
N CYS A 175 -18.76 1.30 33.15
CA CYS A 175 -19.57 2.26 32.37
C CYS A 175 -19.89 1.65 31.01
N ALA A 176 -20.55 2.40 30.15
CA ALA A 176 -20.94 1.89 28.81
C ALA A 176 -19.77 1.87 27.79
N LEU A 177 -18.62 2.43 28.09
CA LEU A 177 -17.62 2.73 27.03
C LEU A 177 -17.30 1.42 26.28
N TYR A 178 -16.89 0.38 26.99
CA TYR A 178 -16.38 -0.86 26.32
C TYR A 178 -17.51 -1.65 25.63
N GLU A 179 -18.75 -1.29 25.88
CA GLU A 179 -19.91 -1.96 25.22
C GLU A 179 -19.98 -1.56 23.74
N ASN A 180 -19.22 -0.54 23.35
CA ASN A 180 -19.33 0.01 21.98
C ASN A 180 -18.29 -0.69 21.09
N GLU A 181 -18.78 -1.31 20.03
CA GLU A 181 -17.96 -2.17 19.14
C GLU A 181 -18.19 -1.72 17.69
N PHE A 182 -17.13 -1.75 16.89
CA PHE A 182 -17.13 -1.19 15.51
C PHE A 182 -16.61 -2.22 14.54
N SER A 183 -17.48 -2.54 13.57
N SER A 183 -17.44 -2.53 13.53
CA SER A 183 -17.22 -3.52 12.50
CA SER A 183 -17.19 -3.58 12.51
C SER A 183 -17.05 -2.75 11.18
C SER A 183 -17.15 -2.96 11.11
N PHE A 184 -16.01 -3.07 10.45
CA PHE A 184 -15.78 -2.53 9.10
C PHE A 184 -15.93 -3.69 8.12
N HIS A 185 -16.52 -3.39 6.97
CA HIS A 185 -16.79 -4.39 5.91
C HIS A 185 -16.93 -3.69 4.56
N LEU A 186 -16.35 -4.30 3.53
CA LEU A 186 -16.30 -3.67 2.18
C LEU A 186 -17.37 -4.27 1.29
N ASP A 187 -18.60 -4.35 1.80
CA ASP A 187 -19.74 -5.04 1.13
C ASP A 187 -20.50 -3.99 0.35
N GLY A 188 -19.96 -3.55 -0.79
CA GLY A 188 -20.61 -2.56 -1.69
C GLY A 188 -20.01 -1.17 -1.56
N GLY A 189 -19.24 -0.91 -0.51
CA GLY A 189 -18.67 0.40 -0.21
C GLY A 189 -17.87 0.38 1.07
N TYR A 190 -17.50 1.56 1.59
CA TYR A 190 -16.72 1.69 2.83
C TYR A 190 -17.73 1.67 3.97
N ASN A 191 -18.14 0.49 4.41
CA ASN A 191 -19.28 0.34 5.34
C ASN A 191 -18.80 0.01 6.76
N MET A 192 -19.56 0.52 7.73
N MET A 192 -19.59 0.46 7.73
CA MET A 192 -19.30 0.25 9.16
CA MET A 192 -19.29 0.29 9.17
C MET A 192 -20.61 -0.08 9.86
C MET A 192 -20.60 -0.02 9.91
N THR A 193 -20.52 -0.91 10.89
CA THR A 193 -21.63 -1.25 11.79
C THR A 193 -21.19 -0.94 13.19
N TRP A 194 -22.01 -0.16 13.91
CA TRP A 194 -21.73 0.22 15.31
C TRP A 194 -22.73 -0.50 16.20
N VAL A 195 -22.21 -1.34 17.09
CA VAL A 195 -23.03 -2.12 18.06
C VAL A 195 -22.79 -1.53 19.44
N ASN A 196 -23.85 -1.43 20.24
CA ASN A 196 -23.64 -1.20 21.68
C ASN A 196 -24.79 -1.83 22.43
N LYS A 197 -24.93 -1.47 23.69
CA LYS A 197 -26.03 -1.95 24.56
C LYS A 197 -26.91 -0.76 24.94
N GLY A 198 -26.98 0.26 24.07
CA GLY A 198 -27.92 1.39 24.18
C GLY A 198 -27.31 2.64 24.73
N LYS A 199 -26.07 2.60 25.14
CA LYS A 199 -25.44 3.74 25.85
C LYS A 199 -24.04 4.04 25.29
N ILE A 200 -23.74 5.33 25.27
CA ILE A 200 -22.37 5.82 25.04
C ILE A 200 -21.79 6.37 26.34
N TYR A 201 -20.50 6.69 26.33
CA TYR A 201 -19.84 7.28 27.50
C TYR A 201 -19.36 8.69 27.15
N THR A 202 -19.48 9.64 28.08
CA THR A 202 -19.07 11.05 27.84
C THR A 202 -18.91 11.77 29.18
N ASN A 203 -18.62 13.06 29.12
CA ASN A 203 -18.46 13.85 30.36
C ASN A 203 -19.56 14.90 30.34
N GLY A 204 -19.50 15.87 31.25
CA GLY A 204 -20.57 16.87 31.34
C GLY A 204 -20.76 17.67 30.09
N ALA A 205 -19.66 18.14 29.49
CA ALA A 205 -19.73 18.98 28.29
C ALA A 205 -20.36 18.17 27.16
N GLY A 206 -20.05 16.86 27.05
CA GLY A 206 -20.68 16.00 26.05
C GLY A 206 -22.15 15.75 26.30
N LYS A 207 -22.52 15.41 27.54
CA LYS A 207 -23.91 15.09 27.93
C LYS A 207 -24.81 16.31 27.61
N ASP A 208 -24.28 17.53 27.77
CA ASP A 208 -25.10 18.74 27.47
C ASP A 208 -25.45 18.84 25.98
N LYS A 209 -24.73 18.16 25.06
CA LYS A 209 -25.02 18.21 23.61
C LYS A 209 -25.93 17.07 23.16
N LEU A 210 -26.17 16.07 24.01
CA LEU A 210 -26.87 14.85 23.56
C LEU A 210 -28.29 14.85 24.15
N PRO A 211 -29.28 14.43 23.37
CA PRO A 211 -30.66 14.36 23.87
C PRO A 211 -30.99 13.21 24.83
N GLY A 212 -30.27 12.10 24.80
CA GLY A 212 -30.57 10.96 25.66
C GLY A 212 -30.41 11.20 27.15
N VAL A 213 -31.09 10.36 27.95
CA VAL A 213 -30.95 10.39 29.44
C VAL A 213 -29.52 10.06 29.83
N ALA A 214 -28.96 10.88 30.72
CA ALA A 214 -27.62 10.66 31.28
C ALA A 214 -27.74 10.07 32.69
N THR A 215 -26.88 9.12 33.00
CA THR A 215 -26.75 8.43 34.30
C THR A 215 -25.28 8.42 34.71
N VAL A 216 -25.00 8.38 36.00
CA VAL A 216 -23.60 8.31 36.51
C VAL A 216 -23.32 6.87 36.85
N PRO A 217 -22.43 6.18 36.09
CA PRO A 217 -22.04 4.83 36.43
C PRO A 217 -20.91 4.75 37.47
N GLY A 218 -20.46 3.52 37.73
CA GLY A 218 -19.37 3.22 38.70
C GLY A 218 -18.08 3.94 38.37
N ALA A 219 -17.79 4.13 37.07
CA ALA A 219 -16.54 4.77 36.61
C ALA A 219 -16.62 6.29 36.75
N GLY A 220 -17.80 6.83 37.07
CA GLY A 220 -18.10 8.28 37.05
C GLY A 220 -18.25 8.84 35.64
N ASP A 221 -18.28 10.17 35.52
CA ASP A 221 -18.73 10.86 34.29
C ASP A 221 -20.09 10.29 33.94
N PHE A 222 -20.48 10.25 32.66
CA PHE A 222 -21.86 9.90 32.27
C PHE A 222 -21.92 8.80 31.23
N ASP A 223 -22.83 7.87 31.47
CA ASP A 223 -23.46 7.06 30.41
C ASP A 223 -24.62 7.89 29.87
N VAL A 224 -24.81 7.87 28.55
CA VAL A 224 -25.93 8.58 27.87
C VAL A 224 -26.60 7.58 26.93
N GLU A 225 -27.93 7.52 27.00
CA GLU A 225 -28.72 6.71 26.05
C GLU A 225 -28.46 7.21 24.64
N TYR A 226 -28.04 6.32 23.77
CA TYR A 226 -27.62 6.65 22.38
C TYR A 226 -27.62 5.37 21.57
N ILE A 227 -28.63 5.21 20.72
CA ILE A 227 -28.79 3.98 19.92
C ILE A 227 -28.21 4.27 18.55
N PRO A 228 -27.24 3.48 18.07
CA PRO A 228 -26.68 3.73 16.75
C PRO A 228 -27.71 3.49 15.64
N LYS A 229 -27.51 4.14 14.51
CA LYS A 229 -28.16 3.78 13.24
C LYS A 229 -27.77 2.34 12.85
N GLU A 230 -28.60 1.70 12.01
CA GLU A 230 -28.34 0.31 11.54
C GLU A 230 -27.08 0.25 10.64
N ALA A 231 -26.72 1.33 9.96
CA ALA A 231 -25.61 1.31 8.99
C ALA A 231 -24.96 2.68 8.90
N TYR A 232 -23.64 2.67 8.79
CA TYR A 232 -22.76 3.84 8.62
C TYR A 232 -21.83 3.62 7.44
N THR A 233 -21.27 4.72 6.95
CA THR A 233 -20.11 4.68 6.03
C THR A 233 -18.94 5.40 6.71
N PHE A 234 -17.76 5.20 6.14
CA PHE A 234 -16.56 5.94 6.57
C PHE A 234 -15.77 6.37 5.33
N THR A 235 -14.85 7.31 5.54
CA THR A 235 -13.81 7.66 4.55
C THR A 235 -12.46 7.68 5.25
N VAL A 236 -11.44 7.24 4.54
CA VAL A 236 -10.02 7.38 4.98
C VAL A 236 -9.32 8.17 3.89
N ASP A 237 -8.66 9.24 4.28
CA ASP A 237 -7.84 10.06 3.34
C ASP A 237 -6.55 10.38 4.08
N GLY A 238 -5.44 9.75 3.67
CA GLY A 238 -4.15 9.84 4.40
C GLY A 238 -4.36 9.25 5.80
N ASP A 239 -4.23 10.07 6.83
N ASP A 239 -4.26 10.07 6.83
CA ASP A 239 -4.42 9.65 8.24
CA ASP A 239 -4.44 9.62 8.23
C ASP A 239 -5.76 10.19 8.79
C ASP A 239 -5.78 10.12 8.78
N LYS A 240 -6.66 10.69 7.95
CA LYS A 240 -7.95 11.26 8.43
C LYS A 240 -9.01 10.15 8.27
N LEU A 241 -9.66 9.77 9.35
CA LEU A 241 -10.76 8.78 9.39
C LEU A 241 -12.02 9.55 9.76
N LYS A 242 -13.01 9.55 8.87
CA LYS A 242 -14.26 10.28 9.13
C LYS A 242 -15.42 9.29 9.10
N LEU A 243 -16.27 9.37 10.10
CA LEU A 243 -17.45 8.51 10.17
C LEU A 243 -18.69 9.30 9.71
N SER A 244 -19.64 8.60 9.08
CA SER A 244 -20.87 9.23 8.56
C SER A 244 -21.86 9.50 9.70
N ASP A 245 -22.86 10.35 9.43
CA ASP A 245 -24.11 10.44 10.23
C ASP A 245 -23.80 10.73 11.69
N ASP A 246 -22.77 11.55 11.96
CA ASP A 246 -22.44 12.04 13.32
C ASP A 246 -22.04 10.91 14.27
N ALA A 247 -21.54 9.79 13.74
CA ALA A 247 -21.01 8.71 14.57
C ALA A 247 -19.70 9.11 15.24
N PHE A 248 -19.35 8.40 16.30
CA PHE A 248 -18.14 8.59 17.10
C PHE A 248 -17.78 7.24 17.71
N PHE A 249 -16.57 7.10 18.24
CA PHE A 249 -16.01 5.77 18.68
C PHE A 249 -16.38 5.48 20.14
N GLY A 250 -17.66 5.54 20.45
CA GLY A 250 -18.22 5.11 21.77
C GLY A 250 -18.13 6.17 22.84
N HIS A 251 -17.05 6.95 22.84
CA HIS A 251 -16.85 8.11 23.69
C HIS A 251 -17.27 9.36 22.92
N PHE A 252 -18.18 10.16 23.47
CA PHE A 252 -18.65 11.34 22.72
C PHE A 252 -17.82 12.58 23.05
N ALA A 253 -17.26 13.23 22.03
CA ALA A 253 -16.51 14.52 22.18
C ALA A 253 -16.94 15.52 21.10
N GLY A 254 -18.07 15.30 20.46
CA GLY A 254 -18.68 16.25 19.49
C GLY A 254 -18.07 16.23 18.10
N THR A 255 -17.26 15.22 17.75
CA THR A 255 -16.64 15.09 16.41
C THR A 255 -16.77 13.68 15.86
N SER A 256 -16.85 13.62 14.54
CA SER A 256 -16.83 12.37 13.75
C SER A 256 -15.50 12.23 12.99
N THR A 257 -14.54 13.11 13.26
CA THR A 257 -13.23 13.12 12.57
C THR A 257 -12.12 12.62 13.51
N TYR A 258 -11.33 11.65 13.08
CA TYR A 258 -10.26 11.07 13.91
C TYR A 258 -8.95 11.08 13.13
N THR A 259 -7.84 11.30 13.81
CA THR A 259 -6.54 11.12 13.20
C THR A 259 -6.03 9.72 13.51
N ILE A 260 -5.63 8.97 12.50
CA ILE A 260 -5.07 7.60 12.67
C ILE A 260 -3.59 7.74 13.04
N LYS A 261 -3.19 7.33 14.25
CA LYS A 261 -1.78 7.43 14.67
C LYS A 261 -1.12 6.10 14.37
N THR A 262 -1.86 5.03 14.51
CA THR A 262 -1.41 3.65 14.24
C THR A 262 -2.54 2.86 13.64
N LEU A 263 -2.29 2.14 12.55
CA LEU A 263 -3.27 1.17 12.01
C LEU A 263 -2.52 -0.02 11.40
N ASN A 264 -2.66 -1.17 12.00
CA ASN A 264 -2.11 -2.45 11.51
C ASN A 264 -3.13 -3.51 11.88
N GLU A 265 -2.90 -4.78 11.52
CA GLU A 265 -3.93 -5.79 11.75
C GLU A 265 -4.16 -5.99 13.25
N ASN A 266 -3.27 -5.47 14.12
CA ASN A 266 -3.34 -5.75 15.56
C ASN A 266 -3.88 -4.55 16.35
N GLU A 267 -3.92 -3.34 15.77
CA GLU A 267 -4.10 -2.11 16.58
C GLU A 267 -4.67 -1.00 15.71
N LEU A 268 -5.60 -0.26 16.28
CA LEU A 268 -6.05 1.02 15.76
C LEU A 268 -5.93 2.06 16.90
N TYR A 269 -5.01 3.01 16.73
CA TYR A 269 -4.75 4.07 17.71
C TYR A 269 -5.17 5.39 17.08
N LEU A 270 -6.09 6.07 17.77
CA LEU A 270 -6.79 7.27 17.26
C LEU A 270 -6.58 8.43 18.19
N GLU A 271 -6.53 9.63 17.61
CA GLU A 271 -6.58 10.89 18.33
C GLU A 271 -7.79 11.65 17.82
N CYS A 272 -8.45 12.41 18.66
CA CYS A 272 -9.42 13.40 18.14
C CYS A 272 -9.35 14.65 18.97
N SER A 273 -9.88 15.69 18.36
CA SER A 273 -9.97 17.01 18.96
C SER A 273 -11.41 17.28 19.38
N SER A 274 -11.64 17.52 20.67
CA SER A 274 -12.99 17.83 21.25
C SER A 274 -13.59 19.04 20.53
N ALA A 275 -14.86 18.93 20.12
CA ALA A 275 -15.66 20.08 19.66
C ALA A 275 -16.54 20.64 20.77
N VAL A 276 -16.56 20.05 21.95
CA VAL A 276 -17.41 20.55 23.08
C VAL A 276 -16.54 21.13 24.20
N GLU A 277 -15.24 20.81 24.26
CA GLU A 277 -14.28 21.38 25.25
C GLU A 277 -13.02 21.87 24.53
N SER A 278 -12.96 23.18 24.35
CA SER A 278 -11.91 23.82 23.52
C SER A 278 -10.52 23.42 24.02
N GLY A 279 -9.69 22.83 23.16
CA GLY A 279 -8.29 22.52 23.49
C GLY A 279 -8.09 21.13 24.04
N ASN A 280 -9.17 20.38 24.31
CA ASN A 280 -9.07 19.01 24.87
C ASN A 280 -8.93 18.01 23.71
N GLY A 281 -7.89 17.21 23.77
CA GLY A 281 -7.69 16.04 22.89
C GLY A 281 -8.02 14.73 23.58
N TRP A 282 -8.50 13.78 22.80
CA TRP A 282 -8.74 12.41 23.29
C TRP A 282 -7.95 11.41 22.45
N TRP A 283 -7.56 10.33 23.14
CA TRP A 283 -6.84 9.18 22.55
C TRP A 283 -7.62 7.91 22.85
N TYR A 284 -7.64 6.99 21.87
CA TYR A 284 -8.39 5.73 21.97
C TYR A 284 -7.53 4.66 21.30
N ARG A 285 -7.37 3.52 21.95
CA ARG A 285 -6.72 2.37 21.32
C ARG A 285 -7.68 1.19 21.20
N PHE A 286 -7.93 0.75 19.96
CA PHE A 286 -8.79 -0.39 19.62
C PHE A 286 -7.89 -1.57 19.18
N VAL A 287 -8.36 -2.77 19.46
CA VAL A 287 -7.75 -4.04 18.96
C VAL A 287 -8.88 -4.91 18.44
N PRO A 288 -8.55 -5.95 17.67
CA PRO A 288 -9.59 -6.83 17.17
C PRO A 288 -10.30 -7.57 18.29
N LYS A 289 -11.60 -7.71 18.12
CA LYS A 289 -12.46 -8.57 18.96
C LYS A 289 -12.05 -10.05 18.72
N VAL B 33 21.62 -41.90 -35.34
CA VAL B 33 20.48 -42.45 -34.57
C VAL B 33 19.77 -41.30 -33.83
N LYS B 34 20.49 -40.52 -33.00
CA LYS B 34 20.01 -39.28 -32.28
C LYS B 34 19.23 -38.38 -33.22
N PRO B 35 18.17 -37.65 -32.76
CA PRO B 35 17.28 -36.92 -33.68
C PRO B 35 18.06 -35.95 -34.55
N GLN B 36 17.74 -35.86 -35.85
CA GLN B 36 18.40 -34.95 -36.82
C GLN B 36 17.77 -33.55 -36.70
N GLU B 37 18.61 -32.53 -36.59
CA GLU B 37 18.21 -31.13 -36.29
C GLU B 37 17.26 -30.55 -37.35
N SER B 38 17.40 -30.96 -38.61
CA SER B 38 16.62 -30.39 -39.72
C SER B 38 15.17 -30.89 -39.65
N GLN B 39 14.91 -31.94 -38.87
CA GLN B 39 13.51 -32.45 -38.70
C GLN B 39 12.92 -31.84 -37.41
N LEU B 40 13.77 -31.27 -36.54
CA LEU B 40 13.36 -30.59 -35.27
C LEU B 40 12.93 -29.15 -35.56
N SER B 41 11.89 -28.69 -34.90
CA SER B 41 11.52 -27.27 -34.97
C SER B 41 10.66 -26.96 -33.76
N PHE B 42 10.45 -25.67 -33.49
CA PHE B 42 9.32 -25.25 -32.61
C PHE B 42 8.90 -23.82 -33.00
N THR B 43 7.70 -23.47 -32.58
CA THR B 43 7.16 -22.10 -32.64
C THR B 43 7.13 -21.52 -31.22
N ALA B 44 7.40 -20.22 -31.12
CA ALA B 44 7.27 -19.48 -29.84
C ALA B 44 6.36 -18.29 -30.16
N THR B 45 5.07 -18.45 -29.85
CA THR B 45 4.00 -17.54 -30.25
C THR B 45 3.52 -16.75 -29.03
N PRO B 46 3.82 -15.44 -28.97
CA PRO B 46 3.23 -14.58 -27.95
C PRO B 46 1.70 -14.73 -28.01
N GLY B 47 1.05 -14.76 -26.87
CA GLY B 47 -0.42 -14.82 -26.83
C GLY B 47 -1.03 -13.46 -26.59
N SER B 48 -2.20 -13.43 -25.93
CA SER B 48 -2.99 -12.23 -25.55
C SER B 48 -2.05 -11.26 -24.84
N ASN B 49 -1.22 -11.82 -23.97
CA ASN B 49 -0.17 -11.07 -23.21
C ASN B 49 1.13 -11.33 -23.95
N PRO B 50 1.75 -10.30 -24.58
CA PRO B 50 2.95 -10.48 -25.39
C PRO B 50 4.16 -11.01 -24.59
N ASN B 51 4.08 -10.91 -23.26
CA ASN B 51 5.17 -11.40 -22.36
C ASN B 51 4.93 -12.84 -21.93
N VAL B 52 3.88 -13.48 -22.45
CA VAL B 52 3.58 -14.91 -22.15
C VAL B 52 3.49 -15.62 -23.49
N VAL B 53 4.36 -16.61 -23.67
CA VAL B 53 4.67 -17.16 -25.02
C VAL B 53 4.40 -18.66 -24.98
N THR B 54 3.66 -19.14 -25.97
CA THR B 54 3.40 -20.58 -26.11
C THR B 54 4.55 -21.19 -26.92
N LEU B 55 5.22 -22.19 -26.34
CA LEU B 55 6.33 -22.94 -26.95
C LEU B 55 5.77 -24.30 -27.40
N LYS B 56 5.83 -24.57 -28.70
CA LYS B 56 5.14 -25.76 -29.27
C LYS B 56 6.15 -26.51 -30.12
N ASN B 57 6.37 -27.79 -29.80
CA ASN B 57 7.15 -28.71 -30.69
C ASN B 57 6.41 -28.86 -32.03
N THR B 58 7.06 -28.52 -33.15
CA THR B 58 6.45 -28.63 -34.50
C THR B 58 7.30 -29.55 -35.40
N SER B 59 8.18 -30.33 -34.77
CA SER B 59 9.17 -31.23 -35.41
C SER B 59 8.44 -32.14 -36.41
N SER B 60 9.07 -32.38 -37.56
CA SER B 60 8.59 -33.33 -38.62
C SER B 60 9.13 -34.72 -38.29
N LEU B 61 8.88 -35.17 -37.07
CA LEU B 61 9.46 -36.39 -36.46
C LEU B 61 8.62 -36.62 -35.21
N LYS B 62 8.07 -37.81 -35.05
CA LYS B 62 7.22 -38.20 -33.90
C LYS B 62 8.03 -39.12 -32.99
N GLY B 63 7.38 -39.64 -31.94
CA GLY B 63 8.00 -40.55 -30.95
C GLY B 63 9.09 -39.83 -30.17
N LEU B 64 8.93 -38.51 -29.97
CA LEU B 64 9.94 -37.67 -29.29
C LEU B 64 9.41 -37.35 -27.89
N VAL B 65 10.28 -37.35 -26.87
CA VAL B 65 10.04 -36.61 -25.60
C VAL B 65 10.78 -35.27 -25.72
N VAL B 66 10.11 -34.16 -25.38
CA VAL B 66 10.77 -32.84 -25.49
C VAL B 66 10.84 -32.18 -24.12
N THR B 67 11.98 -31.57 -23.85
CA THR B 67 12.22 -30.67 -22.68
C THR B 67 12.70 -29.32 -23.19
N TRP B 68 12.61 -28.34 -22.30
CA TRP B 68 12.77 -26.91 -22.63
C TRP B 68 13.57 -26.24 -21.54
N ASP B 69 14.51 -25.44 -21.95
CA ASP B 69 15.10 -24.37 -21.11
C ASP B 69 14.51 -23.04 -21.60
N LEU B 70 13.70 -22.37 -20.77
CA LEU B 70 12.96 -21.16 -21.23
C LEU B 70 13.89 -19.92 -21.25
N GLY B 71 15.10 -20.03 -20.71
CA GLY B 71 16.09 -18.94 -20.75
C GLY B 71 15.83 -17.92 -19.65
N ASN B 72 14.90 -18.21 -18.74
CA ASN B 72 14.46 -17.27 -17.66
C ASN B 72 14.65 -17.98 -16.32
N GLY B 73 15.43 -19.06 -16.29
CA GLY B 73 15.67 -19.91 -15.12
C GLY B 73 14.69 -21.05 -14.99
N VAL B 74 13.71 -21.17 -15.87
CA VAL B 74 12.67 -22.23 -15.78
C VAL B 74 13.02 -23.33 -16.79
N THR B 75 12.83 -24.60 -16.42
CA THR B 75 12.91 -25.71 -17.40
C THR B 75 11.57 -26.44 -17.37
N ALA B 76 11.19 -27.09 -18.44
CA ALA B 76 9.85 -27.71 -18.56
C ALA B 76 9.90 -28.93 -19.48
N LYS B 77 8.86 -29.71 -19.40
CA LYS B 77 8.67 -30.94 -20.23
C LYS B 77 7.22 -30.99 -20.69
N GLY B 78 7.05 -31.23 -21.98
CA GLY B 78 5.72 -31.34 -22.61
C GLY B 78 5.80 -30.88 -24.04
N GLU B 79 4.80 -31.25 -24.84
CA GLU B 79 4.74 -30.87 -26.28
C GLU B 79 4.51 -29.37 -26.44
N GLU B 80 3.71 -28.80 -25.54
CA GLU B 80 3.36 -27.36 -25.59
C GLU B 80 3.43 -26.85 -24.15
N VAL B 81 4.30 -25.90 -23.91
CA VAL B 81 4.49 -25.28 -22.57
C VAL B 81 4.42 -23.77 -22.73
N VAL B 82 4.14 -23.07 -21.64
CA VAL B 82 4.08 -21.59 -21.71
C VAL B 82 5.27 -21.01 -20.91
N ALA B 83 5.90 -19.99 -21.45
CA ALA B 83 7.04 -19.24 -20.89
C ALA B 83 6.58 -17.82 -20.55
N SER B 84 6.90 -17.34 -19.35
CA SER B 84 6.58 -15.96 -18.95
C SER B 84 7.87 -15.16 -18.79
N TYR B 85 7.93 -13.97 -19.38
CA TYR B 85 9.07 -13.03 -19.27
C TYR B 85 8.52 -11.72 -18.73
N PRO B 86 8.47 -11.52 -17.39
CA PRO B 86 8.03 -10.25 -16.82
C PRO B 86 8.82 -9.06 -17.38
N PHE B 87 10.13 -9.22 -17.56
CA PHE B 87 11.02 -8.11 -18.01
C PHE B 87 11.33 -8.21 -19.49
N ALA B 88 11.24 -7.08 -20.19
CA ALA B 88 11.79 -6.85 -21.55
C ALA B 88 13.27 -7.25 -21.59
N ASN B 89 13.60 -8.10 -22.55
CA ASN B 89 14.98 -8.57 -22.83
C ASN B 89 14.93 -9.48 -24.06
N THR B 90 16.11 -9.88 -24.52
CA THR B 90 16.33 -11.02 -25.46
C THR B 90 16.67 -12.25 -24.63
N TYR B 91 15.90 -13.33 -24.85
CA TYR B 91 16.10 -14.62 -24.16
C TYR B 91 16.41 -15.69 -25.21
N THR B 92 17.11 -16.72 -24.78
CA THR B 92 17.38 -17.91 -25.64
C THR B 92 16.51 -19.06 -25.14
N ILE B 93 15.73 -19.66 -26.03
CA ILE B 93 14.91 -20.86 -25.68
C ILE B 93 15.61 -22.08 -26.31
N ALA B 94 15.86 -23.12 -25.51
CA ALA B 94 16.40 -24.42 -26.00
C ALA B 94 15.35 -25.52 -25.88
N MET B 95 15.10 -26.22 -26.98
CA MET B 95 14.27 -27.45 -26.99
C MET B 95 15.24 -28.64 -27.14
N THR B 96 15.14 -29.62 -26.25
CA THR B 96 15.87 -30.90 -26.35
C THR B 96 14.88 -31.99 -26.73
N ALA B 97 15.13 -32.71 -27.84
CA ALA B 97 14.31 -33.85 -28.27
C ALA B 97 15.08 -35.15 -27.94
N TYR B 98 14.40 -36.07 -27.29
CA TYR B 98 14.87 -37.41 -26.88
C TYR B 98 14.18 -38.45 -27.74
N ASN B 99 14.95 -39.36 -28.34
CA ASN B 99 14.43 -40.60 -28.98
C ASN B 99 15.35 -41.74 -28.51
N THR B 100 15.10 -42.97 -28.96
CA THR B 100 15.76 -44.22 -28.46
C THR B 100 17.29 -44.16 -28.66
N GLY B 101 17.79 -43.33 -29.59
CA GLY B 101 19.24 -43.22 -29.89
C GLY B 101 19.88 -41.93 -29.39
N GLY B 102 19.23 -41.20 -28.48
CA GLY B 102 19.83 -40.05 -27.77
C GLY B 102 19.00 -38.76 -27.88
N SER B 103 19.63 -37.63 -27.53
CA SER B 103 19.01 -36.28 -27.43
C SER B 103 19.74 -35.30 -28.36
N THR B 104 19.01 -34.33 -28.90
CA THR B 104 19.53 -33.24 -29.77
C THR B 104 18.82 -31.94 -29.34
N THR B 105 19.55 -30.83 -29.30
CA THR B 105 19.05 -29.52 -28.76
C THR B 105 19.08 -28.49 -29.88
N ILE B 106 17.97 -27.75 -30.07
CA ILE B 106 17.89 -26.59 -31.01
C ILE B 106 17.43 -25.38 -30.20
N THR B 107 17.74 -24.18 -30.69
CA THR B 107 17.49 -22.91 -29.97
C THR B 107 16.90 -21.85 -30.91
N GLN B 108 16.20 -20.89 -30.32
CA GLN B 108 15.77 -19.63 -30.97
C GLN B 108 16.03 -18.55 -29.94
N THR B 109 16.31 -17.34 -30.40
CA THR B 109 16.24 -16.15 -29.52
C THR B 109 14.84 -15.60 -29.65
N ILE B 110 14.34 -14.97 -28.59
CA ILE B 110 13.06 -14.26 -28.61
C ILE B 110 13.29 -12.91 -27.96
N THR B 111 12.69 -11.87 -28.53
CA THR B 111 12.80 -10.49 -28.03
C THR B 111 11.46 -10.11 -27.42
N ILE B 112 11.48 -9.88 -26.12
CA ILE B 112 10.33 -9.35 -25.36
C ILE B 112 10.52 -7.82 -25.29
N ALA B 113 9.61 -7.06 -25.91
CA ALA B 113 9.80 -5.63 -26.21
C ALA B 113 9.58 -4.80 -24.95
N ASN B 114 8.66 -5.18 -24.08
CA ASN B 114 8.17 -4.31 -22.98
C ASN B 114 8.08 -5.12 -21.70
N ASN B 115 8.12 -4.44 -20.55
CA ASN B 115 7.88 -5.03 -19.23
C ASN B 115 6.40 -5.34 -19.11
N ASP B 116 6.02 -6.30 -18.30
CA ASP B 116 4.61 -6.71 -18.10
C ASP B 116 4.17 -6.23 -16.72
N GLU B 117 3.37 -5.16 -16.63
CA GLU B 117 2.93 -4.58 -15.33
C GLU B 117 2.22 -5.65 -14.50
N SER B 118 1.52 -6.61 -15.12
CA SER B 118 0.73 -7.61 -14.39
C SER B 118 1.65 -8.62 -13.70
N GLN B 119 2.95 -8.64 -14.01
CA GLN B 119 3.89 -9.64 -13.43
C GLN B 119 5.01 -8.93 -12.65
N ILE B 120 4.85 -7.65 -12.37
CA ILE B 120 5.92 -6.87 -11.67
C ILE B 120 5.31 -6.21 -10.44
N GLU B 121 6.07 -6.17 -9.35
CA GLU B 121 5.58 -5.62 -8.06
C GLU B 121 5.09 -4.19 -8.26
N PRO B 122 3.83 -3.87 -7.88
CA PRO B 122 3.29 -2.51 -8.05
C PRO B 122 4.15 -1.41 -7.41
N LYS B 123 4.67 -1.66 -6.21
CA LYS B 123 5.56 -0.65 -5.56
C LYS B 123 6.85 -0.47 -6.35
N ALA B 124 7.41 -1.50 -7.00
CA ALA B 124 8.64 -1.33 -7.82
C ALA B 124 8.35 -0.37 -8.97
N ILE B 125 7.13 -0.45 -9.53
CA ILE B 125 6.75 0.45 -10.64
C ILE B 125 6.72 1.88 -10.10
N ILE B 126 6.19 2.11 -8.88
CA ILE B 126 6.18 3.52 -8.35
C ILE B 126 7.64 3.98 -8.16
N LEU B 127 8.50 3.12 -7.60
CA LEU B 127 9.90 3.54 -7.28
C LEU B 127 10.57 3.94 -8.59
N ALA B 128 10.34 3.23 -9.69
CA ALA B 128 11.02 3.49 -10.97
C ALA B 128 10.28 4.57 -11.79
N GLY B 129 9.16 5.08 -11.29
CA GLY B 129 8.41 6.15 -11.97
C GLY B 129 7.66 5.63 -13.20
N GLY B 130 7.50 4.32 -13.31
CA GLY B 130 6.81 3.70 -14.45
C GLY B 130 7.51 2.44 -14.88
N LEU B 131 6.92 1.73 -15.84
CA LEU B 131 7.53 0.50 -16.39
C LEU B 131 8.72 0.84 -17.28
N THR B 132 8.84 2.08 -17.74
CA THR B 132 9.89 2.56 -18.65
C THR B 132 10.72 3.62 -17.93
N GLY B 133 11.93 3.83 -18.39
CA GLY B 133 12.82 4.87 -17.86
C GLY B 133 13.21 4.59 -16.41
N SER B 134 13.50 5.66 -15.69
CA SER B 134 14.08 5.57 -14.34
C SER B 134 13.59 6.75 -13.52
N LYS B 135 13.68 6.65 -12.21
CA LYS B 135 13.29 7.76 -11.33
C LYS B 135 14.32 7.85 -10.21
N THR B 136 14.84 9.05 -9.98
CA THR B 136 15.88 9.28 -8.95
C THR B 136 15.24 9.90 -7.73
N TRP B 137 15.58 9.39 -6.54
CA TRP B 137 15.00 9.87 -5.28
C TRP B 137 16.12 10.47 -4.43
N VAL B 138 15.81 11.59 -3.80
CA VAL B 138 16.79 12.32 -2.94
C VAL B 138 16.14 12.61 -1.59
N PHE B 139 16.95 12.82 -0.55
CA PHE B 139 16.42 13.23 0.75
C PHE B 139 15.53 14.45 0.58
N ASP B 140 14.42 14.45 1.28
CA ASP B 140 13.48 15.62 1.33
C ASP B 140 14.03 16.74 2.22
N ARG B 141 15.18 17.29 1.83
CA ARG B 141 15.98 18.20 2.69
C ARG B 141 15.20 19.50 2.96
N ALA B 142 14.31 19.91 2.05
CA ALA B 142 13.57 21.20 2.17
C ALA B 142 12.47 21.13 3.23
N HIS B 143 12.14 19.96 3.81
CA HIS B 143 10.99 19.84 4.72
C HIS B 143 11.42 19.18 6.02
N ASP B 144 10.81 19.57 7.13
CA ASP B 144 11.12 18.90 8.43
C ASP B 144 10.80 17.40 8.35
N GLY B 145 11.49 16.60 9.15
CA GLY B 145 11.18 15.16 9.35
C GLY B 145 11.69 14.25 8.24
N HIS B 146 12.70 14.63 7.45
CA HIS B 146 13.19 13.79 6.34
C HIS B 146 14.17 12.72 6.86
N PHE B 147 14.57 12.81 8.13
CA PHE B 147 15.56 11.92 8.79
C PHE B 147 15.24 12.00 10.26
N GLY B 148 15.23 10.88 10.94
CA GLY B 148 14.77 10.85 12.34
C GLY B 148 15.19 9.57 13.03
N VAL B 149 15.15 9.59 14.35
CA VAL B 149 15.50 8.39 15.17
C VAL B 149 14.49 8.27 16.30
N GLY B 150 14.21 7.04 16.66
CA GLY B 150 13.26 6.74 17.73
C GLY B 150 13.39 5.28 18.10
N PRO B 151 12.58 4.80 19.06
CA PRO B 151 12.56 3.41 19.42
C PRO B 151 12.16 2.59 18.19
N GLY B 152 12.93 1.54 17.87
CA GLY B 152 12.73 0.72 16.68
C GLY B 152 11.65 -0.33 16.87
N ALA B 153 11.26 -1.00 15.79
CA ALA B 153 10.07 -1.91 15.81
C ALA B 153 10.24 -3.08 16.82
N GLY B 154 11.43 -3.54 17.13
CA GLY B 154 11.54 -4.57 18.23
C GLY B 154 11.69 -4.05 19.66
N ASN B 155 11.70 -2.73 19.83
CA ASN B 155 11.93 -2.07 21.15
C ASN B 155 10.59 -2.05 21.87
N PRO B 156 10.52 -2.40 23.19
CA PRO B 156 9.27 -2.31 23.96
C PRO B 156 8.60 -0.93 23.88
N ASP B 157 9.38 0.12 23.63
CA ASP B 157 8.90 1.53 23.60
C ASP B 157 8.48 1.96 22.18
N TYR B 158 8.48 1.06 21.22
CA TYR B 158 8.13 1.46 19.83
C TYR B 158 6.76 2.15 19.79
N ASN B 159 6.67 3.21 18.99
CA ASN B 159 5.40 3.92 18.74
C ASN B 159 5.19 4.16 17.24
N GLY B 160 6.10 3.72 16.36
CA GLY B 160 6.01 3.87 14.90
C GLY B 160 6.51 5.20 14.38
N THR B 161 7.10 6.04 15.21
CA THR B 161 7.57 7.39 14.81
C THR B 161 8.96 7.66 15.38
N PRO B 162 9.72 8.55 14.71
CA PRO B 162 11.04 8.98 15.20
C PRO B 162 10.84 9.98 16.35
N SER B 163 10.48 9.44 17.49
CA SER B 163 10.00 10.26 18.62
C SER B 163 11.18 10.79 19.43
N TRP B 164 12.41 10.36 19.20
CA TRP B 164 13.59 10.88 19.93
C TRP B 164 14.11 12.15 19.27
N TRP B 165 14.20 12.18 17.95
CA TRP B 165 14.70 13.36 17.22
C TRP B 165 14.23 13.30 15.78
N SER B 166 13.78 14.42 15.28
CA SER B 166 13.30 14.58 13.89
C SER B 166 14.05 15.75 13.29
N CYS B 167 14.73 15.49 12.18
CA CYS B 167 15.63 16.48 11.54
C CYS B 167 14.82 17.64 10.97
N PRO B 168 15.14 18.90 11.33
CA PRO B 168 14.53 20.04 10.66
C PRO B 168 15.05 20.16 9.23
N ALA B 169 14.32 20.88 8.39
CA ALA B 169 14.74 21.22 7.01
C ALA B 169 16.21 21.68 7.03
N GLU B 170 17.05 21.10 6.16
CA GLU B 170 18.48 21.44 5.92
C GLU B 170 19.36 21.08 7.14
N GLY B 171 18.83 20.36 8.13
CA GLY B 171 19.60 20.06 9.36
C GLY B 171 20.85 19.23 9.10
N LYS B 172 20.88 18.42 8.04
CA LYS B 172 22.10 17.62 7.70
C LYS B 172 22.76 18.10 6.41
N ALA B 173 22.60 19.38 6.05
CA ALA B 173 23.30 19.99 4.89
C ALA B 173 24.81 19.80 5.01
N GLU B 174 25.38 19.90 6.23
CA GLU B 174 26.86 19.93 6.41
C GLU B 174 27.40 18.53 6.70
N CYS B 175 27.04 17.57 5.87
CA CYS B 175 27.66 16.24 5.91
C CYS B 175 27.38 15.56 4.57
N ALA B 176 27.71 14.28 4.44
CA ALA B 176 27.60 13.58 3.15
C ALA B 176 26.14 13.11 2.88
N LEU B 177 25.20 13.21 3.82
CA LEU B 177 23.93 12.44 3.74
C LEU B 177 23.21 12.77 2.41
N TYR B 178 22.92 14.02 2.16
CA TYR B 178 22.07 14.42 0.99
C TYR B 178 22.77 14.18 -0.36
N GLU B 179 24.06 13.87 -0.39
CA GLU B 179 24.82 13.58 -1.62
C GLU B 179 24.43 12.18 -2.12
N ASN B 180 23.69 11.39 -1.32
CA ASN B 180 23.39 9.97 -1.64
C ASN B 180 22.04 9.96 -2.36
N GLU B 181 22.02 9.57 -3.63
CA GLU B 181 20.81 9.58 -4.52
C GLU B 181 20.57 8.19 -5.11
N PHE B 182 19.30 7.81 -5.25
CA PHE B 182 18.87 6.42 -5.50
C PHE B 182 17.92 6.43 -6.70
N SER B 183 18.35 5.80 -7.77
CA SER B 183 17.57 5.66 -9.02
C SER B 183 17.12 4.21 -9.17
N PHE B 184 15.83 4.01 -9.38
CA PHE B 184 15.20 2.69 -9.66
C PHE B 184 14.80 2.65 -11.14
N HIS B 185 15.02 1.50 -11.76
CA HIS B 185 14.73 1.30 -13.20
C HIS B 185 14.51 -0.18 -13.45
N LEU B 186 13.51 -0.48 -14.25
CA LEU B 186 13.12 -1.88 -14.53
C LEU B 186 13.72 -2.32 -15.88
N ASP B 187 15.01 -2.11 -16.04
CA ASP B 187 15.76 -2.45 -17.27
C ASP B 187 16.37 -3.84 -17.12
N GLY B 188 15.54 -4.87 -17.28
CA GLY B 188 16.00 -6.28 -17.27
C GLY B 188 15.70 -6.96 -15.94
N GLY B 189 15.33 -6.19 -14.93
CA GLY B 189 15.17 -6.68 -13.55
C GLY B 189 14.82 -5.54 -12.61
N TYR B 190 14.77 -5.86 -11.32
CA TYR B 190 14.51 -4.87 -10.25
C TYR B 190 15.84 -4.19 -9.93
N ASN B 191 16.18 -3.19 -10.72
CA ASN B 191 17.52 -2.58 -10.70
C ASN B 191 17.55 -1.23 -9.97
N MET B 192 18.67 -0.97 -9.29
N MET B 192 18.68 -0.93 -9.35
CA MET B 192 18.91 0.31 -8.56
CA MET B 192 18.88 0.34 -8.62
C MET B 192 20.32 0.80 -8.89
C MET B 192 20.32 0.81 -8.86
N THR B 193 20.46 2.12 -9.01
CA THR B 193 21.76 2.82 -9.09
C THR B 193 21.85 3.75 -7.88
N TRP B 194 22.97 3.65 -7.16
CA TRP B 194 23.29 4.47 -5.99
C TRP B 194 24.46 5.37 -6.37
N VAL B 195 24.23 6.67 -6.36
CA VAL B 195 25.26 7.68 -6.69
C VAL B 195 25.57 8.41 -5.39
N ASN B 196 26.85 8.68 -5.15
CA ASN B 196 27.19 9.67 -4.11
C ASN B 196 28.44 10.45 -4.54
N LYS B 197 29.04 11.17 -3.61
CA LYS B 197 30.32 11.88 -3.84
C LYS B 197 31.41 11.24 -3.01
N GLY B 198 31.29 9.95 -2.78
CA GLY B 198 32.35 9.11 -2.17
C GLY B 198 32.16 8.88 -0.67
N LYS B 199 31.13 9.47 -0.07
CA LYS B 199 30.93 9.36 1.40
C LYS B 199 29.47 9.04 1.73
N ILE B 200 29.33 8.29 2.81
CA ILE B 200 28.04 8.05 3.51
C ILE B 200 28.07 8.69 4.88
N TYR B 201 26.92 8.76 5.58
CA TYR B 201 26.81 9.38 6.92
C TYR B 201 26.39 8.33 7.91
N THR B 202 26.97 8.39 9.10
CA THR B 202 26.66 7.40 10.14
C THR B 202 27.09 7.98 11.48
N ASN B 203 26.92 7.21 12.53
CA ASN B 203 27.38 7.64 13.86
C ASN B 203 28.52 6.75 14.31
N GLY B 204 28.91 6.90 15.57
CA GLY B 204 30.04 6.14 16.14
C GLY B 204 29.88 4.65 16.00
N ALA B 205 28.69 4.11 16.32
CA ALA B 205 28.44 2.65 16.24
C ALA B 205 28.49 2.19 14.78
N GLY B 206 28.07 3.04 13.86
CA GLY B 206 28.13 2.73 12.43
C GLY B 206 29.56 2.75 11.89
N LYS B 207 30.34 3.76 12.24
CA LYS B 207 31.68 4.03 11.64
C LYS B 207 32.56 2.82 11.95
N ASP B 208 32.40 2.23 13.12
CA ASP B 208 33.24 1.10 13.58
C ASP B 208 33.06 -0.15 12.69
N LYS B 209 31.97 -0.27 11.94
CA LYS B 209 31.68 -1.45 11.11
C LYS B 209 32.10 -1.25 9.65
N LEU B 210 32.68 -0.09 9.27
CA LEU B 210 33.01 0.17 7.85
C LEU B 210 34.51 0.43 7.74
N PRO B 211 35.13 0.03 6.62
CA PRO B 211 36.58 0.17 6.48
C PRO B 211 37.06 1.58 6.12
N GLY B 212 36.23 2.39 5.47
CA GLY B 212 36.62 3.71 4.95
C GLY B 212 36.99 4.67 6.06
N VAL B 213 37.80 5.68 5.69
CA VAL B 213 38.21 6.76 6.62
C VAL B 213 36.96 7.54 7.07
N ALA B 214 36.89 7.74 8.38
CA ALA B 214 35.85 8.55 9.04
C ALA B 214 36.36 9.95 9.26
N THR B 215 35.51 10.92 8.99
CA THR B 215 35.73 12.36 9.28
C THR B 215 34.53 12.91 10.06
N VAL B 216 34.73 13.96 10.83
CA VAL B 216 33.63 14.64 11.56
C VAL B 216 33.26 15.89 10.78
N PRO B 217 32.08 15.92 10.12
CA PRO B 217 31.69 17.11 9.37
C PRO B 217 30.97 18.12 10.28
N GLY B 218 30.58 19.22 9.68
CA GLY B 218 29.85 20.32 10.36
C GLY B 218 28.66 19.84 11.16
N ALA B 219 27.89 18.87 10.64
CA ALA B 219 26.64 18.42 11.27
C ALA B 219 26.92 17.47 12.43
N GLY B 220 28.17 17.10 12.66
CA GLY B 220 28.53 16.16 13.73
C GLY B 220 28.34 14.72 13.25
N ASP B 221 28.53 13.77 14.15
CA ASP B 221 28.59 12.31 13.80
C ASP B 221 29.67 12.17 12.74
N PHE B 222 29.57 11.25 11.79
CA PHE B 222 30.73 10.86 10.94
C PHE B 222 30.30 10.75 9.48
N ASP B 223 31.12 11.36 8.60
CA ASP B 223 31.18 10.97 7.20
C ASP B 223 32.16 9.80 7.10
N VAL B 224 31.82 8.79 6.32
CA VAL B 224 32.73 7.65 6.04
C VAL B 224 32.90 7.48 4.53
N GLU B 225 34.14 7.30 4.08
CA GLU B 225 34.39 7.01 2.66
C GLU B 225 33.72 5.67 2.34
N TYR B 226 32.93 5.65 1.28
CA TYR B 226 32.13 4.47 0.91
C TYR B 226 31.67 4.70 -0.52
N ILE B 227 32.24 3.96 -1.44
CA ILE B 227 31.92 4.08 -2.87
C ILE B 227 30.94 2.98 -3.23
N PRO B 228 29.74 3.31 -3.72
CA PRO B 228 28.78 2.26 -4.08
C PRO B 228 29.32 1.41 -5.24
N LYS B 229 28.82 0.18 -5.36
CA LYS B 229 28.98 -0.64 -6.58
C LYS B 229 28.29 0.07 -7.75
N GLU B 230 28.64 -0.33 -8.98
CA GLU B 230 28.05 0.30 -10.18
C GLU B 230 26.60 -0.11 -10.39
N ALA B 231 26.14 -1.22 -9.82
CA ALA B 231 24.78 -1.74 -10.04
C ALA B 231 24.31 -2.48 -8.79
N TYR B 232 23.04 -2.31 -8.46
CA TYR B 232 22.35 -3.05 -7.38
C TYR B 232 21.04 -3.64 -7.92
N THR B 233 20.48 -4.59 -7.17
CA THR B 233 19.07 -5.04 -7.32
C THR B 233 18.34 -4.78 -6.00
N PHE B 234 17.04 -4.91 -6.04
CA PHE B 234 16.17 -4.75 -4.85
C PHE B 234 15.01 -5.74 -5.00
N THR B 235 14.36 -6.00 -3.90
CA THR B 235 13.10 -6.76 -3.86
C THR B 235 12.08 -5.95 -3.08
N VAL B 236 10.84 -6.06 -3.48
CA VAL B 236 9.71 -5.56 -2.67
C VAL B 236 8.82 -6.76 -2.38
N ASP B 237 8.44 -6.95 -1.13
CA ASP B 237 7.45 -7.98 -0.73
C ASP B 237 6.56 -7.34 0.33
N GLY B 238 5.31 -7.01 -0.04
CA GLY B 238 4.40 -6.29 0.86
C GLY B 238 4.98 -4.90 1.09
N ASP B 239 5.26 -4.56 2.34
N ASP B 239 5.26 -4.54 2.35
CA ASP B 239 5.84 -3.25 2.77
CA ASP B 239 5.86 -3.24 2.76
C ASP B 239 7.37 -3.37 2.84
C ASP B 239 7.36 -3.43 3.05
N LYS B 240 7.96 -4.55 2.65
CA LYS B 240 9.41 -4.75 2.90
C LYS B 240 10.23 -4.51 1.62
N LEU B 241 11.20 -3.61 1.70
CA LEU B 241 12.10 -3.21 0.59
C LEU B 241 13.52 -3.64 0.99
N LYS B 242 14.13 -4.54 0.24
CA LYS B 242 15.47 -5.06 0.55
C LYS B 242 16.44 -4.74 -0.58
N LEU B 243 17.60 -4.17 -0.24
CA LEU B 243 18.63 -3.78 -1.24
C LEU B 243 19.69 -4.89 -1.29
N SER B 244 20.25 -5.13 -2.46
CA SER B 244 21.30 -6.17 -2.66
C SER B 244 22.63 -5.68 -2.10
N ASP B 245 23.59 -6.59 -2.00
CA ASP B 245 25.02 -6.25 -1.83
C ASP B 245 25.28 -5.32 -0.63
N ASP B 246 24.54 -5.47 0.46
CA ASP B 246 24.73 -4.74 1.74
C ASP B 246 24.55 -3.23 1.51
N ALA B 247 23.78 -2.81 0.53
CA ALA B 247 23.52 -1.37 0.32
C ALA B 247 22.56 -0.84 1.37
N PHE B 248 22.51 0.49 1.46
CA PHE B 248 21.72 1.21 2.46
C PHE B 248 21.43 2.60 1.91
N PHE B 249 20.45 3.29 2.44
CA PHE B 249 19.96 4.58 1.89
C PHE B 249 20.79 5.75 2.43
N GLY B 250 22.10 5.63 2.29
CA GLY B 250 23.03 6.77 2.49
C GLY B 250 23.45 6.98 3.92
N HIS B 251 22.53 6.66 4.82
CA HIS B 251 22.79 6.62 6.27
C HIS B 251 23.06 5.18 6.67
N PHE B 252 24.22 4.87 7.25
CA PHE B 252 24.55 3.47 7.60
C PHE B 252 24.03 3.16 9.01
N ALA B 253 23.20 2.11 9.09
CA ALA B 253 22.80 1.50 10.37
C ALA B 253 22.90 -0.03 10.35
N GLY B 254 23.72 -0.61 9.47
CA GLY B 254 24.04 -2.04 9.49
C GLY B 254 22.93 -2.88 8.84
N THR B 255 21.92 -2.30 8.20
CA THR B 255 20.81 -3.09 7.58
C THR B 255 20.63 -2.68 6.10
N SER B 256 20.13 -3.61 5.30
CA SER B 256 19.73 -3.38 3.89
C SER B 256 18.21 -3.57 3.75
N THR B 257 17.50 -3.76 4.88
CA THR B 257 16.04 -3.99 4.90
C THR B 257 15.32 -2.77 5.46
N TYR B 258 14.33 -2.30 4.74
CA TYR B 258 13.51 -1.13 5.11
C TYR B 258 12.03 -1.53 5.08
N THR B 259 11.23 -0.86 5.88
CA THR B 259 9.76 -0.91 5.81
C THR B 259 9.25 0.34 5.12
N ILE B 260 8.49 0.15 4.05
CA ILE B 260 7.90 1.28 3.30
C ILE B 260 6.70 1.74 4.13
N LYS B 261 6.71 2.96 4.60
CA LYS B 261 5.56 3.49 5.37
C LYS B 261 4.64 4.23 4.42
N THR B 262 5.22 4.97 3.48
CA THR B 262 4.50 5.72 2.43
C THR B 262 5.23 5.56 1.11
N LEU B 263 4.50 5.33 0.03
CA LEU B 263 5.10 5.37 -1.30
C LEU B 263 4.03 5.79 -2.31
N ASN B 264 4.25 6.93 -2.93
CA ASN B 264 3.42 7.43 -4.06
C ASN B 264 4.35 8.20 -4.96
N GLU B 265 3.85 8.78 -6.05
CA GLU B 265 4.72 9.45 -7.01
C GLU B 265 5.48 10.62 -6.35
N ASN B 266 5.02 11.14 -5.22
CA ASN B 266 5.60 12.35 -4.61
C ASN B 266 6.57 12.02 -3.46
N GLU B 267 6.50 10.83 -2.88
CA GLU B 267 7.09 10.59 -1.54
C GLU B 267 7.46 9.12 -1.35
N LEU B 268 8.63 8.89 -0.75
CA LEU B 268 9.04 7.57 -0.25
C LEU B 268 9.45 7.73 1.22
N TYR B 269 8.68 7.20 2.15
CA TYR B 269 8.92 7.32 3.60
C TYR B 269 9.22 5.92 4.12
N LEU B 270 10.42 5.77 4.69
CA LEU B 270 11.03 4.48 5.09
C LEU B 270 11.36 4.48 6.56
N GLU B 271 11.23 3.31 7.14
CA GLU B 271 11.66 2.99 8.50
C GLU B 271 12.67 1.84 8.43
N CYS B 272 13.67 1.83 9.31
CA CYS B 272 14.49 0.60 9.44
C CYS B 272 14.82 0.39 10.91
N SER B 273 15.33 -0.77 11.20
CA SER B 273 15.80 -1.18 12.52
C SER B 273 17.31 -1.30 12.50
N SER B 274 18.01 -0.56 13.35
CA SER B 274 19.50 -0.60 13.41
C SER B 274 20.00 -2.01 13.78
N ALA B 275 21.00 -2.50 13.04
CA ALA B 275 21.78 -3.71 13.43
C ALA B 275 23.05 -3.34 14.19
N VAL B 276 23.35 -2.06 14.40
CA VAL B 276 24.56 -1.65 15.15
C VAL B 276 24.24 -1.06 16.52
N GLU B 277 23.01 -0.59 16.74
CA GLU B 277 22.54 -0.03 18.01
C GLU B 277 21.20 -0.68 18.34
N SER B 278 21.25 -1.65 19.24
CA SER B 278 20.08 -2.50 19.58
C SER B 278 18.90 -1.64 20.01
N GLY B 279 17.78 -1.74 19.28
CA GLY B 279 16.56 -1.00 19.65
C GLY B 279 16.42 0.37 19.04
N ASN B 280 17.39 0.84 18.24
CA ASN B 280 17.24 2.15 17.57
C ASN B 280 16.57 1.93 16.22
N GLY B 281 15.59 2.77 15.93
CA GLY B 281 14.92 2.85 14.63
C GLY B 281 15.25 4.13 13.94
N TRP B 282 15.36 4.09 12.61
CA TRP B 282 15.64 5.26 11.80
C TRP B 282 14.52 5.45 10.78
N TRP B 283 14.21 6.71 10.50
CA TRP B 283 13.19 7.10 9.52
C TRP B 283 13.83 7.98 8.47
N TYR B 284 13.39 7.87 7.23
CA TYR B 284 13.97 8.62 6.11
C TYR B 284 12.85 8.98 5.15
N ARG B 285 12.84 10.23 4.68
CA ARG B 285 11.86 10.64 3.64
C ARG B 285 12.60 11.09 2.40
N PHE B 286 12.28 10.45 1.28
CA PHE B 286 12.78 10.81 -0.06
C PHE B 286 11.64 11.37 -0.92
N VAL B 287 12.03 12.28 -1.79
CA VAL B 287 11.16 12.87 -2.84
C VAL B 287 11.90 12.78 -4.17
N PRO B 288 11.19 12.96 -5.30
CA PRO B 288 11.84 12.95 -6.60
C PRO B 288 12.89 14.06 -6.72
N LYS B 289 13.99 13.73 -7.33
CA LYS B 289 15.00 14.71 -7.76
C LYS B 289 14.35 15.65 -8.78
N LYS B 290 14.62 16.95 -8.70
CA LYS B 290 14.08 17.94 -9.69
C LYS B 290 14.86 17.81 -11.00
C2 BGC C . 18.72 11.59 20.18
C3 BGC C . 18.82 10.55 21.26
C4 BGC C . 19.10 9.18 20.65
C5 BGC C . 20.27 9.24 19.70
C6 BGC C . 20.52 7.88 19.05
C1 BGC C . 19.89 11.48 19.24
O1 BGC C . 19.62 12.45 18.25
O2 BGC C . 18.72 12.90 20.79
O3 BGC C . 17.57 10.66 21.93
O4 BGC C . 19.40 8.22 21.67
O5 BGC C . 19.97 10.19 18.70
O6 BGC C . 21.34 7.89 17.89
H2 BGC C . 17.80 11.43 19.59
H3 BGC C . 19.65 10.81 21.92
H4 BGC C . 18.21 8.86 20.09
H5 BGC C . 21.17 9.55 20.26
H61 BGC C . 19.57 7.44 18.75
H62 BGC C . 21.01 7.22 19.77
H1 BGC C . 20.86 11.71 19.72
HO1 BGC C . 19.53 12.02 17.38
HO2 BGC C . 18.64 13.57 20.10
HO3 BGC C . 17.46 11.56 22.27
HO4 BGC C . 18.66 8.16 22.29
HO6 BGC C . 21.62 8.80 17.70
C2 BGC C . 16.24 10.51 23.81
C3 BGC C . 15.94 9.90 25.18
C4 BGC C . 15.98 8.38 25.04
C5 BGC C . 17.31 7.95 24.43
C6 BGC C . 17.53 6.44 24.41
C1 BGC C . 17.49 9.94 23.18
O2 BGC C . 16.36 11.91 23.92
O3 BGC C . 14.64 10.36 25.56
O4 BGC C . 15.80 7.80 26.33
O5 BGC C . 17.40 8.48 23.10
O6 BGC C . 18.64 6.13 23.59
H2 BGC C . 15.39 10.30 23.14
H3 BGC C . 16.69 10.20 25.91
H4 BGC C . 15.16 8.05 24.37
H5 BGC C . 18.08 8.41 25.06
H61 BGC C . 16.63 5.95 24.01
H62 BGC C . 17.71 6.09 25.42
H1 BGC C . 18.18 10.76 22.93
HO2 BGC C . 15.48 12.33 23.84
HO3 BGC C . 14.55 11.30 25.32
HO4 BGC C . 15.19 8.34 26.85
HO6 BGC C . 18.80 6.86 22.97
N LYS D . -11.90 -11.40 20.06
CA LYS D . -11.51 -12.65 19.31
C LYS D . -12.71 -13.18 18.50
O LYS D . -13.70 -12.49 18.23
CB LYS D . -10.99 -13.71 20.30
H1 LYS D . -11.80 -11.53 20.96
H2 LYS D . -12.82 -11.19 19.88
H3 LYS D . -11.34 -10.67 19.77
HA LYS D . -10.77 -12.44 18.70
HB3 LYS D . -10.07 -13.93 20.06
C2 BGC E . -10.08 11.17 34.63
C3 BGC E . -10.54 12.37 33.80
C4 BGC E . -11.04 11.84 32.46
C5 BGC E . -12.20 10.91 32.74
C6 BGC E . -12.77 10.42 31.44
C1 BGC E . -11.35 10.32 34.87
O1 BGC E . -11.12 9.25 35.81
O2 BGC E . -9.46 11.65 35.82
O4 BGC E . -11.47 12.94 31.65
O5 BGC E . -11.79 9.81 33.58
O6 BGC E . -13.96 9.74 31.74
H2 BGC E . -9.35 10.55 34.10
H3 BGC E . -11.38 12.87 34.30
H4 BGC E . -10.24 11.25 31.98
H5 BGC E . -13.00 11.48 33.25
H61 BGC E . -12.05 9.77 30.96
H62 BGC E . -12.97 11.28 30.79
H1 BGC E . -12.13 10.99 35.26
HO1 BGC E . -11.64 9.40 36.61
HO2 BGC E . -9.19 10.91 36.37
HO4 BGC E . -10.72 13.52 31.50
HO6 BGC E . -14.11 9.75 32.69
C2 BGC F . -7.83 15.09 33.75
C3 BGC F . -7.84 16.59 33.64
C4 BGC F . -8.56 17.10 32.41
C5 BGC F . -9.91 16.42 32.22
C6 BGC F . -10.57 16.79 30.87
C1 BGC F . -9.24 14.58 33.54
O1 BGC F . -9.21 13.15 33.62
O2 BGC F . -7.39 14.67 35.05
O3 BGC F . -6.47 17.03 33.67
O4 BGC F . -8.76 18.51 32.55
O5 BGC F . -9.73 15.01 32.28
O6 BGC F . -11.77 16.02 30.69
H2 BGC F . -7.18 14.65 32.99
H3 BGC F . -8.36 16.98 34.53
H4 BGC F . -7.94 16.87 31.53
H5 BGC F . -10.59 16.74 33.03
H61 BGC F . -9.87 16.58 30.06
H62 BGC F . -10.81 17.85 30.87
H1 BGC F . -9.89 14.98 34.33
HO2 BGC F . -7.41 13.71 35.10
HO3 BGC F . -6.03 16.68 34.46
HO4 BGC F . -7.90 18.94 32.68
HO6 BGC F . -11.91 15.44 31.45
C1 PEG G . -6.74 -9.56 0.25
O1 PEG G . -6.03 -8.35 0.06
C2 PEG G . -7.63 -9.52 1.47
O2 PEG G . -8.84 -10.26 1.25
C3 PEG G . -8.88 -11.52 1.91
C4 PEG G . -10.24 -11.93 2.04
O4 PEG G . -10.94 -11.14 2.95
H11 PEG G . -6.11 -10.31 0.37
H12 PEG G . -7.31 -9.73 -0.53
HO1 PEG G . -5.54 -8.41 -0.63
H21 PEG G . -7.87 -8.59 1.67
H22 PEG G . -7.16 -9.91 2.24
H31 PEG G . -8.47 -11.43 2.80
H32 PEG G . -8.37 -12.18 1.40
H41 PEG G . -10.28 -12.86 2.34
H42 PEG G . -10.68 -11.85 1.16
HO4 PEG G . -10.42 -10.55 3.27
S SO4 H . -28.07 9.50 38.15
O1 SO4 H . -27.35 10.69 37.78
O2 SO4 H . -28.02 9.34 39.57
O3 SO4 H . -29.44 9.63 37.71
O4 SO4 H . -27.47 8.34 37.54
C2 BGC I . 20.65 14.29 16.97
C3 BGC I . 20.81 12.80 17.22
C4 BGC I . 20.88 12.01 15.94
C5 BGC I . 22.01 12.54 15.04
C6 BGC I . 22.01 11.87 13.68
C1 BGC I . 21.86 14.70 16.11
O1 BGC I . 21.71 16.08 15.81
O2 BGC I . 20.71 14.96 18.23
O4 BGC I . 21.10 10.65 16.25
O5 BGC I . 21.80 13.95 14.86
O6 BGC I . 23.08 12.34 12.88
H2 BGC I . 19.73 14.52 16.41
H3 BGC I . 21.74 12.65 17.78
H4 BGC I . 19.93 12.13 15.40
H5 BGC I . 23.00 12.38 15.51
H61 BGC I . 21.06 12.10 13.18
H62 BGC I . 22.10 10.80 13.81
H1 BGC I . 22.83 14.53 16.61
HO1 BGC I . 20.81 16.37 16.05
HO2 BGC I . 20.69 15.91 18.09
HO4 BGC I . 20.38 10.33 16.82
HO6 BGC I . 23.60 12.99 13.37
C1 EDO J . -1.24 -17.87 -22.91
O1 EDO J . -2.22 -16.95 -23.37
C2 EDO J . -0.35 -18.31 -23.99
O2 EDO J . 0.52 -17.30 -24.48
H11 EDO J . -1.70 -18.66 -22.53
H12 EDO J . -0.69 -17.43 -22.22
HO1 EDO J . -2.71 -16.72 -22.72
H21 EDO J . -0.89 -18.63 -24.74
H22 EDO J . 0.21 -19.05 -23.66
HO2 EDO J . 0.39 -16.58 -24.06
S SO4 K . 38.38 14.66 11.51
O1 SO4 K . 38.75 15.77 12.36
O2 SO4 K . 37.51 13.80 12.25
O3 SO4 K . 39.57 13.92 11.13
O4 SO4 K . 37.70 15.17 10.35
#